data_9LIB
#
_entry.id   9LIB
#
_entity_poly.entity_id   1
_entity_poly.type   'polypeptide(L)'
_entity_poly.pdbx_seq_one_letter_code
;VARGWGRKCPLFGKNKSR
;
_entity_poly.pdbx_strand_id   A
#
# COMPACT_ATOMS: atom_id res chain seq x y z
N VAL A 1 -1.00 11.55 0.67
CA VAL A 1 -0.15 10.62 1.41
C VAL A 1 0.03 9.31 0.65
N ALA A 2 1.20 8.70 0.79
CA ALA A 2 1.49 7.45 0.12
C ALA A 2 1.85 6.36 1.13
N ARG A 3 2.95 6.58 1.87
CA ARG A 3 3.39 5.62 2.86
C ARG A 3 2.25 5.19 3.76
N GLY A 4 1.49 6.16 4.25
CA GLY A 4 0.36 5.85 5.13
C GLY A 4 -0.55 4.79 4.54
N TRP A 5 -0.61 4.72 3.22
CA TRP A 5 -1.45 3.74 2.55
C TRP A 5 -0.66 2.48 2.21
N GLY A 6 0.52 2.67 1.62
CA GLY A 6 1.35 1.55 1.26
C GLY A 6 1.75 0.70 2.46
N ARG A 7 1.61 1.27 3.65
CA ARG A 7 1.96 0.57 4.87
C ARG A 7 1.27 -0.78 4.94
N LYS A 8 0.01 -0.78 5.36
CA LYS A 8 -0.76 -2.02 5.46
C LYS A 8 -2.03 -1.94 4.61
N CYS A 9 -2.02 -1.04 3.63
CA CYS A 9 -3.17 -0.87 2.75
C CYS A 9 -2.78 -1.12 1.29
N PRO A 10 -3.50 -2.04 0.64
CA PRO A 10 -3.24 -2.39 -0.76
C PRO A 10 -3.62 -1.27 -1.72
N LEU A 11 -4.45 -0.35 -1.25
CA LEU A 11 -4.89 0.77 -2.06
C LEU A 11 -3.72 1.39 -2.82
N PHE A 12 -2.54 1.36 -2.20
CA PHE A 12 -1.35 1.91 -2.82
C PHE A 12 -0.27 0.84 -2.98
N GLY A 13 -0.48 -0.30 -2.33
CA GLY A 13 0.48 -1.39 -2.42
C GLY A 13 -0.09 -2.60 -3.12
N LYS A 14 -0.35 -2.46 -4.42
CA LYS A 14 -0.89 -3.57 -5.20
C LYS A 14 0.20 -4.55 -5.62
N ASN A 15 1.01 -4.14 -6.59
CA ASN A 15 2.10 -4.98 -7.08
C ASN A 15 3.27 -4.99 -6.09
N LYS A 16 3.38 -3.91 -5.31
CA LYS A 16 4.45 -3.79 -4.33
C LYS A 16 4.25 -4.78 -3.18
N SER A 17 3.01 -4.92 -2.74
CA SER A 17 2.69 -5.84 -1.65
C SER A 17 2.54 -7.27 -2.17
N ARG A 18 2.02 -7.39 -3.39
CA ARG A 18 1.82 -8.70 -4.01
C ARG A 18 3.05 -9.13 -4.79
N VAL A 1 1.16 11.60 2.38
CA VAL A 1 0.02 10.75 2.69
C VAL A 1 0.18 9.36 2.10
N ALA A 2 0.71 9.30 0.88
CA ALA A 2 0.93 8.03 0.19
C ALA A 2 1.61 7.03 1.11
N ARG A 3 2.65 7.48 1.81
CA ARG A 3 3.40 6.63 2.72
C ARG A 3 2.47 5.95 3.72
N GLY A 4 1.50 6.71 4.23
CA GLY A 4 0.56 6.19 5.19
C GLY A 4 -0.24 5.02 4.64
N TRP A 5 -0.40 4.99 3.32
CA TRP A 5 -1.15 3.93 2.67
C TRP A 5 -0.23 2.78 2.27
N GLY A 6 0.85 3.11 1.57
CA GLY A 6 1.79 2.09 1.15
C GLY A 6 2.32 1.26 2.30
N ARG A 7 2.35 1.86 3.49
CA ARG A 7 2.83 1.17 4.68
C ARG A 7 2.21 -0.22 4.80
N LYS A 8 0.95 -0.26 5.24
CA LYS A 8 0.23 -1.51 5.39
C LYS A 8 -1.04 -1.53 4.54
N CYS A 9 -1.65 -0.36 4.38
CA CYS A 9 -2.87 -0.24 3.59
C CYS A 9 -2.64 -0.76 2.16
N PRO A 10 -3.49 -1.72 1.75
CA PRO A 10 -3.39 -2.32 0.41
C PRO A 10 -3.81 -1.34 -0.69
N LEU A 11 -4.58 -0.33 -0.31
CA LEU A 11 -5.04 0.67 -1.26
C LEU A 11 -3.90 1.15 -2.15
N PHE A 12 -2.70 1.24 -1.58
CA PHE A 12 -1.53 1.67 -2.32
C PHE A 12 -0.45 0.59 -2.32
N GLY A 13 -0.63 -0.42 -1.47
CA GLY A 13 0.33 -1.50 -1.39
C GLY A 13 -0.24 -2.82 -1.87
N LYS A 14 -0.54 -2.89 -3.18
CA LYS A 14 -1.10 -4.10 -3.76
C LYS A 14 -0.14 -4.68 -4.80
N ASN A 15 1.15 -4.40 -4.63
CA ASN A 15 2.16 -4.90 -5.56
C ASN A 15 3.07 -5.92 -4.87
N LYS A 16 3.25 -5.75 -3.56
CA LYS A 16 4.09 -6.64 -2.78
C LYS A 16 3.49 -8.05 -2.73
N SER A 17 2.17 -8.12 -2.83
CA SER A 17 1.46 -9.40 -2.78
C SER A 17 1.48 -10.07 -4.16
N ARG A 18 1.43 -9.26 -5.21
CA ARG A 18 1.44 -9.78 -6.57
C ARG A 18 2.62 -10.73 -6.78
N VAL A 1 2.90 10.28 1.67
CA VAL A 1 1.57 9.78 2.01
C VAL A 1 1.38 8.34 1.55
N ALA A 2 1.91 8.03 0.37
CA ALA A 2 1.80 6.67 -0.17
C ALA A 2 2.18 5.63 0.87
N ARG A 3 3.29 5.88 1.56
CA ARG A 3 3.76 4.96 2.59
C ARG A 3 2.66 4.66 3.60
N GLY A 4 1.92 5.69 3.99
CA GLY A 4 0.85 5.52 4.95
C GLY A 4 -0.21 4.55 4.48
N TRP A 5 -0.34 4.44 3.16
CA TRP A 5 -1.33 3.53 2.58
C TRP A 5 -0.73 2.14 2.34
N GLY A 6 0.42 2.12 1.67
CA GLY A 6 1.07 0.85 1.39
C GLY A 6 1.34 0.04 2.64
N ARG A 7 1.49 0.73 3.77
CA ARG A 7 1.76 0.07 5.04
C ARG A 7 0.79 -1.09 5.26
N LYS A 8 -0.45 -0.76 5.64
CA LYS A 8 -1.47 -1.76 5.88
C LYS A 8 -2.68 -1.54 4.97
N CYS A 9 -2.96 -0.29 4.67
CA CYS A 9 -4.09 0.06 3.82
C CYS A 9 -3.98 -0.64 2.46
N PRO A 10 -5.03 -1.39 2.10
CA PRO A 10 -5.07 -2.13 0.83
C PRO A 10 -5.20 -1.21 -0.38
N LEU A 11 -5.68 0.00 -0.14
CA LEU A 11 -5.85 0.99 -1.21
C LEU A 11 -4.60 1.06 -2.08
N PHE A 12 -3.44 0.90 -1.46
CA PHE A 12 -2.17 0.94 -2.18
C PHE A 12 -1.42 -0.38 -2.03
N GLY A 13 -1.87 -1.22 -1.09
CA GLY A 13 -1.23 -2.49 -0.86
C GLY A 13 -1.25 -3.39 -2.09
N LYS A 14 -2.18 -3.11 -3.00
CA LYS A 14 -2.30 -3.89 -4.22
C LYS A 14 -1.39 -3.35 -5.32
N ASN A 15 -0.09 -3.30 -5.03
CA ASN A 15 0.88 -2.80 -5.99
C ASN A 15 1.00 -3.75 -7.18
N LYS A 16 1.66 -4.88 -6.96
CA LYS A 16 1.85 -5.87 -8.02
C LYS A 16 1.19 -7.19 -7.65
N SER A 17 1.76 -7.89 -6.68
CA SER A 17 1.23 -9.18 -6.24
C SER A 17 0.41 -9.00 -4.96
N ARG A 18 0.95 -8.23 -4.03
CA ARG A 18 0.28 -7.98 -2.75
C ARG A 18 -1.10 -7.39 -2.97
N VAL A 1 1.46 11.24 1.98
CA VAL A 1 0.22 10.54 2.30
C VAL A 1 0.25 9.11 1.78
N ALA A 2 0.81 8.92 0.59
CA ALA A 2 0.90 7.61 -0.02
C ALA A 2 1.44 6.58 0.97
N ARG A 3 2.51 6.96 1.68
CA ARG A 3 3.12 6.07 2.66
C ARG A 3 2.09 5.58 3.67
N GLY A 4 1.20 6.47 4.10
CA GLY A 4 0.18 6.10 5.05
C GLY A 4 -0.72 4.99 4.53
N TRP A 5 -0.85 4.91 3.22
CA TRP A 5 -1.70 3.89 2.59
C TRP A 5 -0.89 2.63 2.29
N GLY A 6 0.24 2.80 1.61
CA GLY A 6 1.08 1.66 1.28
C GLY A 6 1.47 0.85 2.49
N ARG A 7 1.53 1.51 3.66
CA ARG A 7 1.90 0.84 4.89
C ARG A 7 1.11 -0.47 5.06
N LYS A 8 -0.15 -0.34 5.45
CA LYS A 8 -1.01 -1.50 5.65
C LYS A 8 -2.25 -1.42 4.75
N CYS A 9 -2.72 -0.20 4.50
CA CYS A 9 -3.89 0.00 3.66
C CYS A 9 -3.68 -0.62 2.28
N PRO A 10 -4.61 -1.50 1.88
CA PRO A 10 -4.55 -2.18 0.59
C PRO A 10 -4.81 -1.23 -0.57
N LEU A 11 -5.48 -0.12 -0.29
CA LEU A 11 -5.80 0.87 -1.31
C LEU A 11 -4.58 1.17 -2.19
N PHE A 12 -3.40 1.15 -1.56
CA PHE A 12 -2.16 1.41 -2.29
C PHE A 12 -1.21 0.22 -2.19
N GLY A 13 -1.53 -0.71 -1.29
CA GLY A 13 -0.70 -1.88 -1.11
C GLY A 13 -1.11 -3.03 -2.02
N LYS A 14 -1.13 -2.78 -3.32
CA LYS A 14 -1.52 -3.80 -4.29
C LYS A 14 -0.37 -4.09 -5.25
N ASN A 15 0.86 -3.95 -4.76
CA ASN A 15 2.04 -4.21 -5.57
C ASN A 15 2.79 -5.44 -5.07
N LYS A 16 2.65 -5.72 -3.78
CA LYS A 16 3.31 -6.87 -3.17
C LYS A 16 2.35 -8.05 -3.06
N SER A 17 1.35 -7.92 -2.20
CA SER A 17 0.36 -8.98 -2.01
C SER A 17 -0.93 -8.66 -2.74
N ARG A 18 -0.85 -8.56 -4.06
CA ARG A 18 -2.01 -8.24 -4.89
C ARG A 18 -3.09 -9.32 -4.72
N VAL A 1 1.11 11.22 1.19
CA VAL A 1 -0.05 10.40 1.51
C VAL A 1 0.23 8.92 1.23
N ALA A 2 0.93 8.67 0.13
CA ALA A 2 1.26 7.30 -0.27
C ALA A 2 1.83 6.52 0.91
N ARG A 3 2.76 7.15 1.64
CA ARG A 3 3.38 6.51 2.80
C ARG A 3 2.33 6.00 3.77
N GLY A 4 1.28 6.80 3.99
CA GLY A 4 0.23 6.41 4.89
C GLY A 4 -0.46 5.13 4.48
N TRP A 5 -0.43 4.84 3.18
CA TRP A 5 -1.06 3.64 2.65
C TRP A 5 -0.07 2.48 2.61
N GLY A 6 1.09 2.73 2.01
CA GLY A 6 2.11 1.69 1.92
C GLY A 6 2.47 1.12 3.27
N ARG A 7 2.33 1.93 4.32
CA ARG A 7 2.66 1.49 5.67
C ARG A 7 2.03 0.13 5.97
N LYS A 8 0.73 0.12 6.23
CA LYS A 8 0.03 -1.13 6.52
C LYS A 8 -1.10 -1.36 5.52
N CYS A 9 -1.70 -0.28 5.05
CA CYS A 9 -2.80 -0.37 4.09
C CYS A 9 -2.36 -1.13 2.84
N PRO A 10 -3.11 -2.18 2.50
CA PRO A 10 -2.82 -3.02 1.33
C PRO A 10 -3.08 -2.28 0.02
N LEU A 11 -3.92 -1.26 0.07
CA LEU A 11 -4.26 -0.47 -1.10
C LEU A 11 -3.01 -0.11 -1.90
N PHE A 12 -1.92 0.13 -1.19
CA PHE A 12 -0.66 0.48 -1.82
C PHE A 12 0.44 -0.53 -1.47
N GLY A 13 0.16 -1.37 -0.48
CA GLY A 13 1.12 -2.36 -0.06
C GLY A 13 1.17 -3.56 -1.00
N LYS A 14 0.11 -3.73 -1.78
CA LYS A 14 0.03 -4.83 -2.72
C LYS A 14 0.79 -4.52 -4.01
N ASN A 15 2.07 -4.19 -3.87
CA ASN A 15 2.91 -3.87 -5.01
C ASN A 15 3.52 -5.12 -5.62
N LYS A 16 3.70 -6.15 -4.79
CA LYS A 16 4.26 -7.41 -5.25
C LYS A 16 3.44 -8.00 -6.38
N SER A 17 2.13 -7.73 -6.38
CA SER A 17 1.23 -8.23 -7.39
C SER A 17 1.04 -7.21 -8.50
N ARG A 18 1.08 -5.93 -8.13
CA ARG A 18 0.91 -4.85 -9.09
C ARG A 18 2.23 -4.52 -9.78
N VAL A 1 0.52 11.40 2.40
CA VAL A 1 -0.57 10.48 2.63
C VAL A 1 -0.30 9.12 1.99
N ALA A 2 0.30 9.13 0.81
CA ALA A 2 0.62 7.91 0.10
C ALA A 2 1.32 6.91 1.02
N ARG A 3 2.28 7.39 1.79
CA ARG A 3 3.03 6.55 2.70
C ARG A 3 2.09 5.78 3.63
N GLY A 4 1.06 6.47 4.11
CA GLY A 4 0.10 5.85 5.00
C GLY A 4 -0.59 4.66 4.36
N TRP A 5 -0.68 4.67 3.03
CA TRP A 5 -1.32 3.58 2.30
C TRP A 5 -0.31 2.51 1.91
N GLY A 6 0.80 2.94 1.31
CA GLY A 6 1.83 2.01 0.90
C GLY A 6 2.32 1.16 2.05
N ARG A 7 2.26 1.69 3.26
CA ARG A 7 2.71 0.97 4.45
C ARG A 7 2.14 -0.44 4.46
N LYS A 8 0.87 -0.56 4.79
CA LYS A 8 0.21 -1.86 4.85
C LYS A 8 -1.00 -1.90 3.90
N CYS A 9 -1.71 -0.80 3.82
CA CYS A 9 -2.88 -0.70 2.96
C CYS A 9 -2.54 -1.14 1.53
N PRO A 10 -3.30 -2.13 1.02
CA PRO A 10 -3.09 -2.67 -0.33
C PRO A 10 -3.49 -1.68 -1.41
N LEU A 11 -4.34 -0.73 -1.05
CA LEU A 11 -4.80 0.30 -1.99
C LEU A 11 -3.63 0.87 -2.79
N PHE A 12 -2.48 0.99 -2.13
CA PHE A 12 -1.29 1.52 -2.77
C PHE A 12 -0.16 0.50 -2.75
N GLY A 13 -0.33 -0.54 -1.95
CA GLY A 13 0.69 -1.57 -1.84
C GLY A 13 0.49 -2.69 -2.86
N LYS A 14 0.46 -2.31 -4.14
CA LYS A 14 0.28 -3.28 -5.21
C LYS A 14 1.63 -3.68 -5.81
N ASN A 15 2.67 -3.58 -5.01
CA ASN A 15 4.01 -3.94 -5.47
C ASN A 15 4.23 -5.44 -5.41
N LYS A 16 4.41 -5.97 -4.21
CA LYS A 16 4.63 -7.39 -4.01
C LYS A 16 3.31 -8.11 -3.73
N SER A 17 2.37 -7.39 -3.13
CA SER A 17 1.06 -7.95 -2.80
C SER A 17 0.23 -8.17 -4.07
N ARG A 18 -0.02 -7.09 -4.80
CA ARG A 18 -0.79 -7.16 -6.02
C ARG A 18 0.06 -6.79 -7.24
N VAL A 1 1.47 11.35 2.52
CA VAL A 1 0.21 10.63 2.67
C VAL A 1 0.32 9.22 2.12
N ALA A 2 1.02 9.07 1.00
CA ALA A 2 1.22 7.76 0.38
C ALA A 2 1.64 6.73 1.41
N ARG A 3 2.60 7.09 2.25
CA ARG A 3 3.10 6.19 3.29
C ARG A 3 1.96 5.65 4.14
N GLY A 4 1.01 6.52 4.47
CA GLY A 4 -0.12 6.11 5.29
C GLY A 4 -0.94 5.02 4.63
N TRP A 5 -0.90 4.97 3.30
CA TRP A 5 -1.64 3.97 2.55
C TRP A 5 -0.80 2.72 2.33
N GLY A 6 0.41 2.91 1.80
CA GLY A 6 1.30 1.79 1.55
C GLY A 6 1.54 0.95 2.78
N ARG A 7 1.45 1.58 3.95
CA ARG A 7 1.66 0.88 5.21
C ARG A 7 0.88 -0.43 5.25
N LYS A 8 -0.42 -0.33 5.48
CA LYS A 8 -1.28 -1.50 5.54
C LYS A 8 -2.39 -1.41 4.50
N CYS A 9 -2.85 -0.20 4.22
CA CYS A 9 -3.91 0.01 3.24
C CYS A 9 -3.51 -0.56 1.88
N PRO A 10 -4.37 -1.44 1.35
CA PRO A 10 -4.13 -2.09 0.04
C PRO A 10 -4.26 -1.12 -1.11
N LEU A 11 -4.97 -0.01 -0.89
CA LEU A 11 -5.17 1.00 -1.92
C LEU A 11 -3.85 1.33 -2.62
N PHE A 12 -2.76 1.31 -1.85
CA PHE A 12 -1.45 1.60 -2.40
C PHE A 12 -0.50 0.42 -2.21
N GLY A 13 -0.92 -0.53 -1.39
CA GLY A 13 -0.10 -1.70 -1.14
C GLY A 13 -0.54 -2.91 -1.95
N LYS A 14 -0.82 -2.68 -3.24
CA LYS A 14 -1.24 -3.75 -4.12
C LYS A 14 -0.07 -4.36 -4.86
N ASN A 15 0.96 -3.54 -5.12
CA ASN A 15 2.15 -3.99 -5.82
C ASN A 15 3.00 -4.88 -4.93
N LYS A 16 2.93 -4.65 -3.62
CA LYS A 16 3.69 -5.44 -2.66
C LYS A 16 3.47 -6.92 -2.88
N SER A 17 2.31 -7.42 -2.47
CA SER A 17 1.98 -8.83 -2.62
C SER A 17 2.17 -9.28 -4.07
N ARG A 18 1.58 -8.53 -4.99
CA ARG A 18 1.68 -8.86 -6.42
C ARG A 18 3.06 -8.50 -6.95
N VAL A 1 2.07 10.66 2.53
CA VAL A 1 0.78 10.01 2.65
C VAL A 1 0.84 8.57 2.14
N ALA A 2 1.51 8.38 1.00
CA ALA A 2 1.65 7.06 0.41
C ALA A 2 2.09 6.04 1.45
N ARG A 3 3.10 6.39 2.23
CA ARG A 3 3.61 5.50 3.26
C ARG A 3 2.49 5.03 4.18
N GLY A 4 1.62 5.95 4.56
CA GLY A 4 0.51 5.62 5.44
C GLY A 4 -0.42 4.59 4.83
N TRP A 5 -0.45 4.53 3.50
CA TRP A 5 -1.32 3.59 2.80
C TRP A 5 -0.57 2.28 2.53
N GLY A 6 0.57 2.39 1.84
CA GLY A 6 1.34 1.20 1.53
C GLY A 6 1.72 0.41 2.76
N ARG A 7 1.71 1.08 3.91
CA ARG A 7 2.06 0.42 5.17
C ARG A 7 1.27 -0.88 5.34
N LYS A 8 0.03 -0.75 5.82
CA LYS A 8 -0.82 -1.92 6.03
C LYS A 8 -2.12 -1.79 5.25
N CYS A 9 -2.11 -0.93 4.23
CA CYS A 9 -3.29 -0.71 3.40
C CYS A 9 -3.00 -1.05 1.94
N PRO A 10 -3.81 -1.96 1.37
CA PRO A 10 -3.66 -2.39 -0.02
C PRO A 10 -4.02 -1.29 -1.01
N LEU A 11 -4.77 -0.30 -0.54
CA LEU A 11 -5.20 0.81 -1.38
C LEU A 11 -4.03 1.32 -2.22
N PHE A 12 -2.83 1.28 -1.66
CA PHE A 12 -1.63 1.74 -2.35
C PHE A 12 -0.61 0.62 -2.48
N GLY A 13 -0.84 -0.46 -1.73
CA GLY A 13 0.08 -1.59 -1.77
C GLY A 13 -0.57 -2.85 -2.30
N LYS A 14 -1.00 -2.80 -3.56
CA LYS A 14 -1.64 -3.95 -4.20
C LYS A 14 -0.68 -4.66 -5.14
N ASN A 15 0.28 -3.90 -5.68
CA ASN A 15 1.26 -4.46 -6.60
C ASN A 15 2.20 -5.43 -5.89
N LYS A 16 2.37 -5.22 -4.59
CA LYS A 16 3.23 -6.08 -3.78
C LYS A 16 2.44 -7.21 -3.14
N SER A 17 1.17 -6.95 -2.87
CA SER A 17 0.30 -7.94 -2.25
C SER A 17 -0.82 -8.36 -3.21
N ARG A 18 -0.44 -8.69 -4.44
CA ARG A 18 -1.41 -9.11 -5.45
C ARG A 18 -1.67 -10.61 -5.38
N VAL A 1 3.50 9.31 1.27
CA VAL A 1 2.09 8.97 1.33
C VAL A 1 1.89 7.46 1.14
N ALA A 2 2.60 6.90 0.18
CA ALA A 2 2.50 5.47 -0.10
C ALA A 2 2.61 4.64 1.17
N ARG A 3 3.60 4.97 2.00
CA ARG A 3 3.81 4.25 3.25
C ARG A 3 2.53 4.24 4.09
N GLY A 4 1.84 5.38 4.13
CA GLY A 4 0.61 5.47 4.89
C GLY A 4 -0.47 4.52 4.39
N TRP A 5 -0.38 4.17 3.11
CA TRP A 5 -1.36 3.27 2.50
C TRP A 5 -0.89 1.82 2.61
N GLY A 6 0.30 1.54 2.08
CA GLY A 6 0.84 0.20 2.12
C GLY A 6 0.92 -0.35 3.54
N ARG A 7 0.93 0.54 4.52
CA ARG A 7 1.01 0.15 5.91
C ARG A 7 -0.05 -0.90 6.24
N LYS A 8 -1.27 -0.44 6.50
CA LYS A 8 -2.38 -1.34 6.83
C LYS A 8 -3.53 -1.15 5.85
N CYS A 9 -3.24 -0.56 4.69
CA CYS A 9 -4.27 -0.33 3.68
C CYS A 9 -3.92 -1.04 2.38
N PRO A 10 -4.84 -1.88 1.90
CA PRO A 10 -4.65 -2.64 0.66
C PRO A 10 -4.68 -1.75 -0.58
N LEU A 11 -5.23 -0.55 -0.43
CA LEU A 11 -5.32 0.40 -1.53
C LEU A 11 -4.00 0.48 -2.29
N PHE A 12 -2.90 0.33 -1.56
CA PHE A 12 -1.57 0.37 -2.16
C PHE A 12 -0.81 -0.92 -1.90
N GLY A 13 -1.33 -1.73 -0.99
CA GLY A 13 -0.68 -2.99 -0.66
C GLY A 13 -0.79 -4.01 -1.79
N LYS A 14 -1.90 -3.95 -2.52
CA LYS A 14 -2.13 -4.88 -3.62
C LYS A 14 -1.92 -4.19 -4.96
N ASN A 15 -1.09 -3.15 -4.96
CA ASN A 15 -0.80 -2.39 -6.18
C ASN A 15 0.66 -2.54 -6.58
N LYS A 16 1.52 -2.69 -5.57
CA LYS A 16 2.96 -2.83 -5.81
C LYS A 16 3.40 -4.27 -5.55
N SER A 17 2.74 -4.93 -4.60
CA SER A 17 3.07 -6.31 -4.26
C SER A 17 2.00 -7.27 -4.77
N ARG A 18 1.36 -6.90 -5.88
CA ARG A 18 0.32 -7.72 -6.47
C ARG A 18 0.88 -9.06 -6.92
N VAL A 1 1.24 11.20 2.18
CA VAL A 1 0.07 10.38 2.46
C VAL A 1 0.21 8.99 1.86
N ALA A 2 0.77 8.92 0.66
CA ALA A 2 0.97 7.65 -0.03
C ALA A 2 1.61 6.62 0.90
N ARG A 3 2.64 7.04 1.63
CA ARG A 3 3.34 6.15 2.55
C ARG A 3 2.36 5.51 3.53
N GLY A 4 1.40 6.30 4.01
CA GLY A 4 0.42 5.78 4.95
C GLY A 4 -0.39 4.65 4.37
N TRP A 5 -0.53 4.63 3.05
CA TRP A 5 -1.29 3.59 2.36
C TRP A 5 -0.40 2.41 2.00
N GLY A 6 0.71 2.70 1.32
CA GLY A 6 1.63 1.65 0.91
C GLY A 6 2.10 0.82 2.09
N ARG A 7 2.12 1.42 3.27
CA ARG A 7 2.56 0.73 4.48
C ARG A 7 1.88 -0.64 4.59
N LYS A 8 0.62 -0.63 4.97
CA LYS A 8 -0.15 -1.87 5.12
C LYS A 8 -1.37 -1.86 4.22
N CYS A 9 -1.95 -0.68 4.02
CA CYS A 9 -3.13 -0.54 3.19
C CYS A 9 -2.87 -1.05 1.78
N PRO A 10 -3.70 -1.99 1.32
CA PRO A 10 -3.58 -2.58 -0.02
C PRO A 10 -3.92 -1.60 -1.12
N LEU A 11 -4.69 -0.57 -0.78
CA LEU A 11 -5.09 0.45 -1.75
C LEU A 11 -3.89 0.91 -2.59
N PHE A 12 -2.72 0.95 -1.96
CA PHE A 12 -1.51 1.37 -2.65
C PHE A 12 -0.46 0.26 -2.62
N GLY A 13 -0.70 -0.74 -1.79
CA GLY A 13 0.24 -1.85 -1.68
C GLY A 13 -0.16 -3.03 -2.54
N LYS A 14 -0.94 -2.76 -3.59
CA LYS A 14 -1.39 -3.82 -4.49
C LYS A 14 -0.21 -4.46 -5.22
N ASN A 15 0.85 -3.67 -5.43
CA ASN A 15 2.04 -4.16 -6.10
C ASN A 15 3.16 -4.44 -5.11
N LYS A 16 3.17 -3.68 -4.01
CA LYS A 16 4.19 -3.85 -2.98
C LYS A 16 4.29 -5.31 -2.54
N SER A 17 3.32 -5.75 -1.77
CA SER A 17 3.31 -7.13 -1.28
C SER A 17 2.87 -8.10 -2.38
N ARG A 18 1.67 -7.87 -2.92
CA ARG A 18 1.15 -8.72 -3.98
C ARG A 18 1.94 -8.55 -5.26
N VAL A 1 1.87 10.74 3.06
CA VAL A 1 0.65 9.99 3.27
C VAL A 1 0.70 8.63 2.57
N ALA A 2 1.26 8.62 1.37
CA ALA A 2 1.38 7.39 0.59
C ALA A 2 1.93 6.25 1.44
N ARG A 3 2.98 6.55 2.20
CA ARG A 3 3.62 5.55 3.06
C ARG A 3 2.59 4.91 3.98
N GLY A 4 1.68 5.72 4.53
CA GLY A 4 0.66 5.21 5.42
C GLY A 4 -0.23 4.19 4.75
N TRP A 5 -0.35 4.27 3.44
CA TRP A 5 -1.18 3.34 2.68
C TRP A 5 -0.36 2.14 2.21
N GLY A 6 0.78 2.40 1.58
CA GLY A 6 1.63 1.34 1.10
C GLY A 6 2.03 0.38 2.20
N ARG A 7 2.08 0.87 3.43
CA ARG A 7 2.45 0.05 4.58
C ARG A 7 1.69 -1.27 4.56
N LYS A 8 0.42 -1.22 4.97
CA LYS A 8 -0.42 -2.41 5.00
C LYS A 8 -1.66 -2.23 4.12
N CYS A 9 -2.15 -1.00 4.03
CA CYS A 9 -3.32 -0.70 3.22
C CYS A 9 -3.10 -1.12 1.77
N PRO A 10 -4.02 -1.97 1.25
CA PRO A 10 -3.94 -2.47 -0.12
C PRO A 10 -4.22 -1.37 -1.16
N LEU A 11 -4.90 -0.32 -0.72
CA LEU A 11 -5.24 0.80 -1.61
C LEU A 11 -4.02 1.22 -2.42
N PHE A 12 -2.84 1.14 -1.81
CA PHE A 12 -1.60 1.51 -2.48
C PHE A 12 -0.64 0.34 -2.54
N GLY A 13 -0.94 -0.71 -1.78
CA GLY A 13 -0.09 -1.89 -1.76
C GLY A 13 -0.57 -2.97 -2.72
N LYS A 14 -0.87 -2.57 -3.95
CA LYS A 14 -1.34 -3.50 -4.96
C LYS A 14 -0.17 -4.22 -5.62
N ASN A 15 0.98 -3.55 -5.69
CA ASN A 15 2.17 -4.13 -6.29
C ASN A 15 3.08 -4.73 -5.23
N LYS A 16 3.01 -4.18 -4.02
CA LYS A 16 3.82 -4.66 -2.92
C LYS A 16 3.70 -6.17 -2.77
N SER A 17 2.59 -6.63 -2.19
CA SER A 17 2.36 -8.05 -1.99
C SER A 17 2.51 -8.81 -3.30
N ARG A 18 2.16 -8.16 -4.40
CA ARG A 18 2.25 -8.77 -5.73
C ARG A 18 3.60 -8.49 -6.37
N VAL A 1 2.38 10.73 3.32
CA VAL A 1 1.05 10.15 3.45
C VAL A 1 0.98 8.78 2.82
N ALA A 2 1.64 8.61 1.68
CA ALA A 2 1.65 7.34 0.98
C ALA A 2 1.95 6.18 1.94
N ARG A 3 2.96 6.38 2.78
CA ARG A 3 3.36 5.35 3.74
C ARG A 3 2.16 4.90 4.57
N GLY A 4 1.33 5.86 4.98
CA GLY A 4 0.16 5.54 5.78
C GLY A 4 -0.79 4.59 5.07
N TRP A 5 -0.76 4.63 3.74
CA TRP A 5 -1.63 3.77 2.95
C TRP A 5 -0.94 2.45 2.61
N GLY A 6 0.29 2.55 2.11
CA GLY A 6 1.04 1.35 1.76
C GLY A 6 1.18 0.39 2.93
N ARG A 7 1.17 0.93 4.14
CA ARG A 7 1.30 0.12 5.35
C ARG A 7 0.35 -1.07 5.30
N LYS A 8 -0.94 -0.81 5.53
CA LYS A 8 -1.94 -1.87 5.51
C LYS A 8 -3.02 -1.56 4.48
N CYS A 9 -3.38 -0.29 4.35
CA CYS A 9 -4.40 0.12 3.39
C CYS A 9 -4.08 -0.41 2.00
N PRO A 10 -5.05 -1.14 1.41
CA PRO A 10 -4.90 -1.72 0.07
C PRO A 10 -4.90 -0.67 -1.02
N LEU A 11 -5.47 0.50 -0.71
CA LEU A 11 -5.53 1.60 -1.67
C LEU A 11 -4.19 1.80 -2.36
N PHE A 12 -3.11 1.60 -1.62
CA PHE A 12 -1.76 1.76 -2.15
C PHE A 12 -0.97 0.45 -2.05
N GLY A 13 -1.51 -0.49 -1.29
CA GLY A 13 -0.85 -1.78 -1.12
C GLY A 13 -0.86 -2.61 -2.40
N LYS A 14 -1.79 -2.28 -3.29
CA LYS A 14 -1.91 -3.00 -4.55
C LYS A 14 -0.88 -2.50 -5.57
N ASN A 15 0.39 -2.54 -5.19
CA ASN A 15 1.46 -2.09 -6.08
C ASN A 15 1.61 -3.02 -7.27
N LYS A 16 2.20 -4.20 -7.03
CA LYS A 16 2.40 -5.18 -8.08
C LYS A 16 1.57 -6.44 -7.82
N SER A 17 1.92 -7.17 -6.78
CA SER A 17 1.20 -8.40 -6.42
C SER A 17 0.42 -8.21 -5.13
N ARG A 18 1.09 -7.71 -4.10
CA ARG A 18 0.47 -7.49 -2.80
C ARG A 18 -0.48 -6.29 -2.86
N VAL A 1 0.98 11.35 2.66
CA VAL A 1 -0.22 10.54 2.83
C VAL A 1 -0.01 9.13 2.28
N ALA A 2 0.68 9.04 1.15
CA ALA A 2 0.94 7.74 0.52
C ALA A 2 1.47 6.74 1.54
N ARG A 3 2.42 7.18 2.36
CA ARG A 3 3.01 6.33 3.38
C ARG A 3 1.93 5.70 4.26
N GLY A 4 0.93 6.51 4.62
CA GLY A 4 -0.15 6.02 5.47
C GLY A 4 -0.90 4.87 4.83
N TRP A 5 -0.89 4.82 3.50
CA TRP A 5 -1.58 3.75 2.77
C TRP A 5 -0.65 2.57 2.53
N GLY A 6 0.53 2.84 1.97
CA GLY A 6 1.48 1.79 1.69
C GLY A 6 1.82 0.98 2.92
N ARG A 7 1.72 1.61 4.10
CA ARG A 7 2.02 0.95 5.35
C ARG A 7 1.34 -0.42 5.43
N LYS A 8 0.03 -0.41 5.67
CA LYS A 8 -0.74 -1.64 5.77
C LYS A 8 -1.88 -1.65 4.75
N CYS A 9 -2.43 -0.47 4.47
CA CYS A 9 -3.52 -0.35 3.50
C CYS A 9 -3.11 -0.89 2.14
N PRO A 10 -3.90 -1.85 1.63
CA PRO A 10 -3.64 -2.47 0.33
C PRO A 10 -3.87 -1.52 -0.84
N LEU A 11 -4.65 -0.48 -0.60
CA LEU A 11 -4.96 0.51 -1.63
C LEU A 11 -3.69 0.94 -2.35
N PHE A 12 -2.59 1.00 -1.61
CA PHE A 12 -1.30 1.40 -2.19
C PHE A 12 -0.26 0.29 -2.02
N GLY A 13 -0.59 -0.69 -1.18
CA GLY A 13 0.32 -1.80 -0.94
C GLY A 13 -0.08 -3.05 -1.69
N LYS A 14 -0.37 -2.91 -2.98
CA LYS A 14 -0.78 -4.03 -3.80
C LYS A 14 0.22 -4.29 -4.92
N ASN A 15 1.47 -3.88 -4.70
CA ASN A 15 2.52 -4.05 -5.69
C ASN A 15 3.49 -5.16 -5.26
N LYS A 16 3.67 -5.31 -3.95
CA LYS A 16 4.56 -6.32 -3.41
C LYS A 16 4.25 -7.69 -4.03
N SER A 17 3.19 -8.32 -3.54
CA SER A 17 2.79 -9.64 -4.03
C SER A 17 2.19 -9.53 -5.43
N ARG A 18 1.20 -8.66 -5.58
CA ARG A 18 0.54 -8.46 -6.85
C ARG A 18 1.36 -7.55 -7.76
N VAL A 1 0.65 10.74 3.66
CA VAL A 1 -0.50 9.84 3.71
C VAL A 1 -0.26 8.59 2.88
N ALA A 2 0.37 8.78 1.72
CA ALA A 2 0.66 7.66 0.83
C ALA A 2 1.29 6.51 1.58
N ARG A 3 2.26 6.81 2.44
CA ARG A 3 2.94 5.80 3.23
C ARG A 3 1.94 4.94 4.00
N GLY A 4 0.92 5.59 4.56
CA GLY A 4 -0.08 4.88 5.32
C GLY A 4 -0.81 3.85 4.49
N TRP A 5 -0.87 4.08 3.18
CA TRP A 5 -1.55 3.17 2.27
C TRP A 5 -0.58 2.10 1.74
N GLY A 6 0.54 2.55 1.20
CA GLY A 6 1.53 1.62 0.67
C GLY A 6 1.97 0.60 1.70
N ARG A 7 1.90 0.97 2.97
CA ARG A 7 2.29 0.08 4.05
C ARG A 7 1.68 -1.31 3.86
N LYS A 8 0.38 -1.42 4.16
CA LYS A 8 -0.33 -2.68 4.03
C LYS A 8 -1.50 -2.54 3.06
N CYS A 9 -2.12 -1.37 3.05
CA CYS A 9 -3.25 -1.10 2.18
C CYS A 9 -2.88 -1.33 0.72
N PRO A 10 -3.65 -2.20 0.04
CA PRO A 10 -3.41 -2.52 -1.37
C PRO A 10 -3.74 -1.36 -2.29
N LEU A 11 -4.56 -0.44 -1.82
CA LEU A 11 -4.96 0.73 -2.59
C LEU A 11 -3.75 1.37 -3.25
N PHE A 12 -2.62 1.35 -2.56
CA PHE A 12 -1.38 1.93 -3.08
C PHE A 12 -0.29 0.87 -3.19
N GLY A 13 -0.53 -0.29 -2.58
CA GLY A 13 0.45 -1.37 -2.61
C GLY A 13 0.08 -2.45 -3.61
N LYS A 14 -0.10 -2.06 -4.86
CA LYS A 14 -0.45 -3.01 -5.92
C LYS A 14 0.57 -4.13 -6.02
N ASN A 15 1.82 -3.82 -5.68
CA ASN A 15 2.89 -4.80 -5.72
C ASN A 15 3.44 -5.08 -4.33
N LYS A 16 3.41 -4.07 -3.47
CA LYS A 16 3.89 -4.20 -2.11
C LYS A 16 3.28 -5.43 -1.43
N SER A 17 2.03 -5.31 -1.01
CA SER A 17 1.33 -6.40 -0.34
C SER A 17 1.02 -7.52 -1.33
N ARG A 18 0.46 -7.14 -2.49
CA ARG A 18 0.11 -8.11 -3.51
C ARG A 18 1.24 -8.28 -4.52
N VAL A 1 1.28 10.71 2.07
CA VAL A 1 0.04 9.95 2.12
C VAL A 1 0.24 8.53 1.60
N ALA A 2 0.97 8.41 0.49
CA ALA A 2 1.24 7.11 -0.11
C ALA A 2 1.72 6.12 0.94
N ARG A 3 2.67 6.54 1.76
CA ARG A 3 3.21 5.67 2.81
C ARG A 3 2.10 5.10 3.68
N GLY A 4 1.14 5.95 4.03
CA GLY A 4 0.03 5.52 4.86
C GLY A 4 -0.79 4.43 4.20
N TRP A 5 -0.76 4.38 2.87
CA TRP A 5 -1.51 3.39 2.12
C TRP A 5 -0.67 2.15 1.87
N GLY A 6 0.48 2.35 1.22
CA GLY A 6 1.36 1.23 0.93
C GLY A 6 1.76 0.47 2.18
N ARG A 7 1.64 1.11 3.33
CA ARG A 7 2.00 0.48 4.60
C ARG A 7 1.32 -0.88 4.73
N LYS A 8 0.06 -0.87 5.14
CA LYS A 8 -0.71 -2.10 5.31
C LYS A 8 -1.97 -2.09 4.45
N CYS A 9 -1.99 -1.21 3.45
CA CYS A 9 -3.13 -1.10 2.56
C CYS A 9 -2.74 -1.37 1.11
N PRO A 10 -3.42 -2.33 0.48
CA PRO A 10 -3.15 -2.72 -0.91
C PRO A 10 -3.58 -1.64 -1.89
N LEU A 11 -4.44 -0.73 -1.45
CA LEU A 11 -4.91 0.35 -2.29
C LEU A 11 -3.76 0.99 -3.07
N PHE A 12 -2.59 1.03 -2.44
CA PHE A 12 -1.41 1.61 -3.07
C PHE A 12 -0.28 0.58 -3.16
N GLY A 13 -0.45 -0.52 -2.45
CA GLY A 13 0.57 -1.56 -2.46
C GLY A 13 0.14 -2.78 -3.27
N LYS A 14 -0.06 -2.57 -4.56
CA LYS A 14 -0.47 -3.66 -5.45
C LYS A 14 0.64 -4.00 -6.44
N ASN A 15 1.88 -3.72 -6.06
CA ASN A 15 3.03 -4.00 -6.91
C ASN A 15 3.96 -5.01 -6.26
N LYS A 16 4.71 -4.56 -5.27
CA LYS A 16 5.64 -5.42 -4.55
C LYS A 16 4.94 -6.16 -3.42
N SER A 17 3.95 -5.51 -2.81
CA SER A 17 3.20 -6.11 -1.71
C SER A 17 2.25 -7.18 -2.22
N ARG A 18 1.21 -6.75 -2.92
CA ARG A 18 0.23 -7.68 -3.47
C ARG A 18 0.44 -7.89 -4.96
N VAL A 1 0.58 11.04 3.80
CA VAL A 1 -0.57 10.14 3.70
C VAL A 1 -0.19 8.84 2.99
N ALA A 2 0.62 8.96 1.95
CA ALA A 2 1.06 7.80 1.18
C ALA A 2 1.55 6.70 2.10
N ARG A 3 2.38 7.06 3.08
CA ARG A 3 2.92 6.10 4.03
C ARG A 3 1.80 5.32 4.71
N GLY A 4 0.73 6.02 5.07
CA GLY A 4 -0.39 5.37 5.73
C GLY A 4 -1.01 4.28 4.87
N TRP A 5 -0.85 4.39 3.56
CA TRP A 5 -1.39 3.40 2.64
C TRP A 5 -0.36 2.32 2.32
N GLY A 6 0.82 2.74 1.90
CA GLY A 6 1.87 1.80 1.57
C GLY A 6 2.25 0.92 2.75
N ARG A 7 1.90 1.36 3.95
CA ARG A 7 2.21 0.61 5.16
C ARG A 7 1.55 -0.76 5.13
N LYS A 8 0.27 -0.81 5.53
CA LYS A 8 -0.47 -2.06 5.55
C LYS A 8 -1.73 -1.95 4.69
N CYS A 9 -1.69 -1.09 3.69
CA CYS A 9 -2.82 -0.90 2.80
C CYS A 9 -2.45 -1.22 1.35
N PRO A 10 -3.19 -2.14 0.74
CA PRO A 10 -2.95 -2.56 -0.65
C PRO A 10 -3.30 -1.47 -1.66
N LEU A 11 -4.14 -0.53 -1.24
CA LEU A 11 -4.55 0.57 -2.09
C LEU A 11 -3.36 1.19 -2.80
N PHE A 12 -2.22 1.20 -2.12
CA PHE A 12 -1.00 1.77 -2.68
C PHE A 12 0.10 0.72 -2.75
N GLY A 13 -0.11 -0.41 -2.06
CA GLY A 13 0.88 -1.48 -2.06
C GLY A 13 0.41 -2.69 -2.83
N LYS A 14 0.21 -2.52 -4.14
CA LYS A 14 -0.23 -3.60 -5.00
C LYS A 14 0.91 -4.09 -5.89
N ASN A 15 2.13 -3.89 -5.44
CA ASN A 15 3.31 -4.31 -6.20
C ASN A 15 4.03 -5.46 -5.50
N LYS A 16 3.89 -5.52 -4.18
CA LYS A 16 4.52 -6.57 -3.39
C LYS A 16 3.61 -7.79 -3.28
N SER A 17 2.30 -7.55 -3.37
CA SER A 17 1.33 -8.64 -3.28
C SER A 17 0.79 -9.00 -4.66
N ARG A 18 0.38 -8.00 -5.41
CA ARG A 18 -0.15 -8.20 -6.75
C ARG A 18 0.87 -7.81 -7.81
N VAL A 1 0.36 11.31 2.91
CA VAL A 1 -0.75 10.37 2.92
C VAL A 1 -0.37 9.04 2.28
N ALA A 2 0.40 9.12 1.20
CA ALA A 2 0.85 7.92 0.50
C ALA A 2 1.41 6.89 1.47
N ARG A 3 2.26 7.34 2.39
CA ARG A 3 2.87 6.47 3.37
C ARG A 3 1.81 5.70 4.15
N GLY A 4 0.72 6.40 4.50
CA GLY A 4 -0.35 5.77 5.25
C GLY A 4 -0.97 4.61 4.50
N TRP A 5 -0.86 4.62 3.19
CA TRP A 5 -1.41 3.56 2.35
C TRP A 5 -0.37 2.49 2.07
N GLY A 6 0.79 2.91 1.56
CA GLY A 6 1.85 1.98 1.26
C GLY A 6 2.31 1.19 2.48
N ARG A 7 1.98 1.70 3.65
CA ARG A 7 2.37 1.05 4.90
C ARG A 7 1.74 -0.34 5.00
N LYS A 8 0.49 -0.39 5.46
CA LYS A 8 -0.21 -1.65 5.59
C LYS A 8 -1.51 -1.65 4.78
N CYS A 9 -1.52 -0.85 3.71
CA CYS A 9 -2.70 -0.75 2.86
C CYS A 9 -2.37 -1.17 1.43
N PRO A 10 -3.11 -2.15 0.91
CA PRO A 10 -2.91 -2.67 -0.46
C PRO A 10 -3.33 -1.65 -1.52
N LEU A 11 -4.18 -0.71 -1.13
CA LEU A 11 -4.66 0.31 -2.05
C LEU A 11 -3.51 0.92 -2.84
N PHE A 12 -2.34 1.01 -2.21
CA PHE A 12 -1.17 1.57 -2.86
C PHE A 12 -0.03 0.55 -2.89
N GLY A 13 -0.19 -0.52 -2.13
CA GLY A 13 0.82 -1.57 -2.09
C GLY A 13 0.34 -2.88 -2.67
N LYS A 14 0.09 -2.88 -3.97
CA LYS A 14 -0.39 -4.08 -4.66
C LYS A 14 0.77 -4.82 -5.32
N ASN A 15 1.97 -4.62 -4.80
CA ASN A 15 3.16 -5.27 -5.34
C ASN A 15 3.49 -6.55 -4.56
N LYS A 16 3.07 -6.58 -3.30
CA LYS A 16 3.32 -7.74 -2.45
C LYS A 16 2.19 -8.76 -2.58
N SER A 17 1.02 -8.40 -2.11
CA SER A 17 -0.15 -9.29 -2.18
C SER A 17 -0.40 -9.74 -3.60
N ARG A 18 -0.36 -8.79 -4.54
CA ARG A 18 -0.59 -9.09 -5.95
C ARG A 18 0.73 -9.37 -6.66
N VAL A 1 0.83 10.93 3.24
CA VAL A 1 -0.32 10.03 3.25
C VAL A 1 0.01 8.70 2.57
N ALA A 2 0.73 8.77 1.45
CA ALA A 2 1.12 7.58 0.72
C ALA A 2 1.70 6.51 1.66
N ARG A 3 2.62 6.93 2.52
CA ARG A 3 3.25 6.02 3.46
C ARG A 3 2.19 5.29 4.29
N GLY A 4 1.18 6.02 4.73
CA GLY A 4 0.12 5.42 5.53
C GLY A 4 -0.58 4.29 4.80
N TRP A 5 -0.55 4.33 3.47
CA TRP A 5 -1.18 3.30 2.66
C TRP A 5 -0.20 2.19 2.32
N GLY A 6 0.94 2.57 1.75
CA GLY A 6 1.95 1.59 1.38
C GLY A 6 2.44 0.79 2.56
N ARG A 7 2.20 1.31 3.77
CA ARG A 7 2.63 0.64 4.99
C ARG A 7 1.95 -0.73 5.12
N LYS A 8 0.73 -0.74 5.63
CA LYS A 8 -0.02 -1.98 5.81
C LYS A 8 -1.35 -1.92 5.07
N CYS A 9 -1.39 -1.11 4.01
CA CYS A 9 -2.62 -0.96 3.21
C CYS A 9 -2.37 -1.38 1.77
N PRO A 10 -3.18 -2.33 1.28
CA PRO A 10 -3.08 -2.83 -0.09
C PRO A 10 -3.50 -1.80 -1.13
N LEU A 11 -4.30 -0.83 -0.69
CA LEU A 11 -4.78 0.22 -1.57
C LEU A 11 -3.66 0.77 -2.43
N PHE A 12 -2.46 0.82 -1.85
CA PHE A 12 -1.29 1.34 -2.56
C PHE A 12 -0.20 0.27 -2.67
N GLY A 13 -0.36 -0.81 -1.90
CA GLY A 13 0.61 -1.88 -1.92
C GLY A 13 0.12 -3.09 -2.68
N LYS A 14 -0.15 -2.90 -3.98
CA LYS A 14 -0.63 -3.99 -4.82
C LYS A 14 0.46 -4.44 -5.78
N ASN A 15 1.71 -4.24 -5.40
CA ASN A 15 2.85 -4.62 -6.22
C ASN A 15 3.67 -5.72 -5.53
N LYS A 16 3.68 -5.69 -4.21
CA LYS A 16 4.42 -6.68 -3.43
C LYS A 16 3.62 -7.97 -3.27
N SER A 17 2.30 -7.84 -3.30
CA SER A 17 1.42 -9.01 -3.17
C SER A 17 1.09 -9.60 -4.54
N ARG A 18 1.08 -8.75 -5.56
CA ARG A 18 0.77 -9.19 -6.92
C ARG A 18 2.06 -9.44 -7.70
N VAL A 1 2.96 9.34 2.26
CA VAL A 1 1.57 8.90 2.20
C VAL A 1 1.48 7.46 1.72
N ALA A 2 2.26 7.12 0.70
CA ALA A 2 2.26 5.77 0.14
C ALA A 2 2.39 4.72 1.25
N ARG A 3 3.32 4.94 2.17
CA ARG A 3 3.55 4.03 3.27
C ARG A 3 2.25 3.77 4.03
N GLY A 4 1.49 4.83 4.27
CA GLY A 4 0.23 4.70 4.98
C GLY A 4 -0.77 3.81 4.26
N TRP A 5 -0.62 3.71 2.95
CA TRP A 5 -1.51 2.89 2.14
C TRP A 5 -0.96 1.48 1.98
N GLY A 6 0.26 1.38 1.47
CA GLY A 6 0.89 0.08 1.27
C GLY A 6 0.95 -0.72 2.56
N ARG A 7 0.88 -0.02 3.70
CA ARG A 7 0.95 -0.68 5.00
C ARG A 7 -0.05 -1.84 5.08
N LYS A 8 -1.30 -1.50 5.36
CA LYS A 8 -2.35 -2.51 5.47
C LYS A 8 -3.50 -2.21 4.51
N CYS A 9 -3.21 -1.39 3.49
CA CYS A 9 -4.21 -1.03 2.49
C CYS A 9 -3.77 -1.47 1.10
N PRO A 10 -4.63 -2.25 0.43
CA PRO A 10 -4.36 -2.75 -0.92
C PRO A 10 -4.40 -1.63 -1.97
N LEU A 11 -5.05 -0.53 -1.62
CA LEU A 11 -5.16 0.61 -2.53
C LEU A 11 -3.83 0.90 -3.20
N PHE A 12 -2.74 0.69 -2.47
CA PHE A 12 -1.40 0.94 -2.99
C PHE A 12 -0.56 -0.33 -2.95
N GLY A 13 -1.05 -1.34 -2.23
CA GLY A 13 -0.33 -2.59 -2.12
C GLY A 13 -0.25 -3.34 -3.44
N LYS A 14 -1.41 -3.51 -4.08
CA LYS A 14 -1.47 -4.21 -5.37
C LYS A 14 -0.59 -3.53 -6.40
N ASN A 15 -0.31 -2.25 -6.19
CA ASN A 15 0.52 -1.48 -7.11
C ASN A 15 1.85 -2.19 -7.35
N LYS A 16 2.33 -2.90 -6.34
CA LYS A 16 3.59 -3.63 -6.44
C LYS A 16 3.38 -5.13 -6.19
N SER A 17 3.17 -5.49 -4.93
CA SER A 17 2.96 -6.88 -4.56
C SER A 17 1.60 -7.07 -3.90
N ARG A 18 1.42 -6.42 -2.74
CA ARG A 18 0.17 -6.50 -2.01
C ARG A 18 -1.02 -6.20 -2.91
N VAL A 1 3.18 9.28 0.15
CA VAL A 1 1.79 8.90 0.39
C VAL A 1 1.63 7.38 0.41
N ALA A 2 2.29 6.71 -0.52
CA ALA A 2 2.23 5.26 -0.61
C ALA A 2 2.47 4.62 0.76
N ARG A 3 3.52 5.08 1.44
CA ARG A 3 3.85 4.56 2.76
C ARG A 3 2.66 4.63 3.70
N GLY A 4 1.94 5.75 3.65
CA GLY A 4 0.78 5.92 4.52
C GLY A 4 -0.30 4.89 4.23
N TRP A 5 -0.32 4.37 3.01
CA TRP A 5 -1.31 3.37 2.63
C TRP A 5 -0.80 1.96 2.90
N GLY A 6 0.34 1.63 2.31
CA GLY A 6 0.92 0.30 2.50
C GLY A 6 1.14 -0.02 3.96
N ARG A 7 1.23 1.01 4.80
CA ARG A 7 1.45 0.83 6.22
C ARG A 7 0.46 -0.19 6.80
N LYS A 8 -0.76 0.26 7.07
CA LYS A 8 -1.79 -0.60 7.63
C LYS A 8 -3.03 -0.61 6.73
N CYS A 9 -2.86 -0.18 5.49
CA CYS A 9 -3.96 -0.14 4.54
C CYS A 9 -3.67 -1.01 3.32
N PRO A 10 -4.58 -1.96 3.03
CA PRO A 10 -4.43 -2.86 1.90
C PRO A 10 -4.60 -2.16 0.56
N LEU A 11 -5.20 -0.98 0.59
CA LEU A 11 -5.43 -0.20 -0.63
C LEU A 11 -4.17 -0.18 -1.49
N PHE A 12 -3.01 -0.18 -0.85
CA PHE A 12 -1.74 -0.16 -1.55
C PHE A 12 -0.90 -1.38 -1.19
N GLY A 13 -1.31 -2.08 -0.14
CA GLY A 13 -0.58 -3.25 0.30
C GLY A 13 -0.43 -4.29 -0.80
N LYS A 14 -1.44 -4.38 -1.66
CA LYS A 14 -1.44 -5.34 -2.76
C LYS A 14 -0.67 -4.78 -3.96
N ASN A 15 -0.67 -3.46 -4.10
CA ASN A 15 0.03 -2.81 -5.20
C ASN A 15 1.54 -2.98 -5.05
N LYS A 16 2.00 -3.14 -3.82
CA LYS A 16 3.42 -3.31 -3.55
C LYS A 16 4.01 -4.41 -4.43
N SER A 17 3.75 -5.66 -4.06
CA SER A 17 4.26 -6.80 -4.82
C SER A 17 3.15 -7.47 -5.61
N ARG A 18 2.43 -6.67 -6.39
CA ARG A 18 1.32 -7.19 -7.20
C ARG A 18 1.82 -8.22 -8.20
#